data_5X0K
#
_entry.id   5X0K
#
_cell.length_a   39.936
_cell.length_b   69.602
_cell.length_c   87.431
_cell.angle_alpha   90.00
_cell.angle_beta   90.00
_cell.angle_gamma   90.00
#
_symmetry.space_group_name_H-M   'P 21 21 2'
#
loop_
_entity.id
_entity.type
_entity.pdbx_description
1 polymer 'Free serine kinase'
2 non-polymer 'ADENOSINE MONOPHOSPHATE'
3 water water
#
_entity_poly.entity_id   1
_entity_poly.type   'polypeptide(L)'
_entity_poly.pdbx_seq_one_letter_code
;MGVEKVPKYDIPTKKVDYVFIELDKMKPHQQLVQKELEAFIESVTGSGIFWKPMLLAKVPGEDMYLIVDGHHRWAGLQKL
GAKRAPSVILDYFSDDVKVYTWYPAFKGDLNEVVERLKKEGLEVIEDPEAEEKAERGEIAFALVGEKSFAIPGGLEEQKK
VSKVLDEMSVEGKIELIYYGLKEDAREDMAKGEIDYVFIRKAPTKEEVMELVKRGEVYSPKTTRHVLPFNPDKIDVKLEE
LF
;
_entity_poly.pdbx_strand_id   A
#
# COMPACT_ATOMS: atom_id res chain seq x y z
N VAL A 3 1.86 -11.59 1.77
CA VAL A 3 0.60 -12.27 2.19
C VAL A 3 -0.28 -11.29 2.98
N GLU A 4 -1.58 -11.36 2.75
CA GLU A 4 -2.54 -10.42 3.32
C GLU A 4 -3.63 -11.13 4.12
N LYS A 5 -3.95 -10.59 5.29
CA LYS A 5 -5.11 -11.01 6.07
C LYS A 5 -6.02 -9.80 6.29
N VAL A 6 -7.11 -9.72 5.52
CA VAL A 6 -8.05 -8.61 5.58
C VAL A 6 -9.35 -9.12 6.19
N PRO A 7 -10.14 -8.25 6.84
CA PRO A 7 -11.52 -8.63 7.21
C PRO A 7 -12.34 -8.94 5.95
N LYS A 8 -13.40 -9.73 6.10
CA LYS A 8 -14.15 -10.23 4.93
C LYS A 8 -15.03 -9.15 4.33
N TYR A 9 -14.40 -8.12 3.77
CA TYR A 9 -15.11 -6.86 3.47
C TYR A 9 -16.20 -6.99 2.43
N ASP A 10 -17.45 -6.92 2.89
CA ASP A 10 -18.59 -6.85 1.99
C ASP A 10 -18.53 -5.50 1.34
N ILE A 11 -17.91 -5.47 0.17
CA ILE A 11 -17.89 -4.26 -0.65
C ILE A 11 -18.71 -4.60 -1.87
N PRO A 12 -19.69 -3.77 -2.23
CA PRO A 12 -20.47 -4.09 -3.40
C PRO A 12 -19.74 -3.84 -4.70
N THR A 13 -20.03 -4.68 -5.67
CA THR A 13 -19.61 -4.42 -7.05
C THR A 13 -20.65 -3.49 -7.65
N LYS A 14 -20.21 -2.43 -8.34
CA LYS A 14 -21.14 -1.49 -8.98
C LYS A 14 -20.68 -1.32 -10.42
N LYS A 15 -21.65 -1.13 -11.30
CA LYS A 15 -21.36 -0.99 -12.74
C LYS A 15 -21.09 0.45 -13.02
N VAL A 16 -19.84 0.82 -12.87
N VAL A 16 -19.84 0.87 -12.87
CA VAL A 16 -19.38 2.17 -13.10
CA VAL A 16 -19.44 2.29 -12.97
C VAL A 16 -18.67 2.10 -14.41
C VAL A 16 -18.51 2.35 -14.17
N ASP A 17 -18.87 3.12 -15.21
CA ASP A 17 -18.21 3.12 -16.51
C ASP A 17 -16.77 3.61 -16.37
N TYR A 18 -15.93 3.27 -17.34
CA TYR A 18 -14.55 3.70 -17.32
C TYR A 18 -14.32 4.78 -18.38
N VAL A 19 -13.22 5.49 -18.21
N VAL A 19 -13.24 5.53 -18.16
CA VAL A 19 -12.77 6.43 -19.23
CA VAL A 19 -12.69 6.47 -19.14
C VAL A 19 -11.25 6.25 -19.36
C VAL A 19 -11.26 6.08 -19.38
N PHE A 20 -10.76 6.33 -20.59
CA PHE A 20 -9.33 6.19 -20.83
C PHE A 20 -8.66 7.47 -20.33
N ILE A 21 -7.63 7.27 -19.52
CA ILE A 21 -6.77 8.32 -19.02
C ILE A 21 -5.36 7.97 -19.39
N GLU A 22 -4.60 8.97 -19.80
CA GLU A 22 -3.22 8.73 -20.23
C GLU A 22 -2.36 8.40 -19.01
N LEU A 23 -1.47 7.43 -19.13
CA LEU A 23 -0.68 6.93 -18.02
C LEU A 23 0.24 8.01 -17.47
N ASP A 24 0.71 8.89 -18.35
CA ASP A 24 1.60 9.97 -17.89
C ASP A 24 0.89 11.06 -17.09
N LYS A 25 -0.45 10.98 -17.00
CA LYS A 25 -1.25 11.84 -16.10
C LYS A 25 -1.57 11.22 -14.74
N MET A 26 -1.07 10.02 -14.50
CA MET A 26 -1.34 9.29 -13.26
C MET A 26 -0.09 9.37 -12.40
N LYS A 27 -0.30 9.70 -11.13
CA LYS A 27 0.78 9.80 -10.13
C LYS A 27 0.67 8.68 -9.08
N PRO A 28 1.74 7.88 -8.92
CA PRO A 28 1.78 6.86 -7.83
C PRO A 28 1.91 7.55 -6.47
N HIS A 29 1.42 6.88 -5.43
CA HIS A 29 1.69 7.29 -4.06
C HIS A 29 2.44 6.25 -3.25
N GLN A 30 2.77 5.11 -3.86
CA GLN A 30 3.61 4.11 -3.22
C GLN A 30 4.66 3.59 -4.17
N GLN A 31 5.79 3.17 -3.61
CA GLN A 31 6.81 2.42 -4.34
C GLN A 31 6.22 1.12 -4.88
N LEU A 32 6.78 0.68 -5.99
CA LEU A 32 6.34 -0.55 -6.64
C LEU A 32 6.98 -1.77 -5.98
N VAL A 33 6.40 -2.92 -6.26
CA VAL A 33 6.84 -4.22 -5.74
C VAL A 33 7.07 -4.96 -7.03
N GLN A 34 8.32 -5.33 -7.30
CA GLN A 34 8.68 -5.78 -8.63
C GLN A 34 7.96 -7.08 -9.02
N LYS A 35 7.77 -7.97 -8.04
CA LYS A 35 7.07 -9.24 -8.32
C LYS A 35 5.60 -8.98 -8.72
N GLU A 36 4.99 -7.94 -8.15
CA GLU A 36 3.62 -7.60 -8.49
C GLU A 36 3.53 -7.00 -9.89
N LEU A 37 4.50 -6.15 -10.23
CA LEU A 37 4.64 -5.61 -11.58
C LEU A 37 4.75 -6.74 -12.60
N GLU A 38 5.63 -7.68 -12.31
CA GLU A 38 5.92 -8.79 -13.25
C GLU A 38 4.71 -9.70 -13.45
N ALA A 39 4.00 -10.03 -12.37
CA ALA A 39 2.77 -10.80 -12.45
C ALA A 39 1.69 -10.14 -13.29
N PHE A 40 1.51 -8.82 -13.10
CA PHE A 40 0.58 -8.11 -13.97
C PHE A 40 1.00 -8.20 -15.44
N ILE A 41 2.28 -7.96 -15.73
CA ILE A 41 2.74 -8.04 -17.13
C ILE A 41 2.50 -9.40 -17.76
N GLU A 42 2.80 -10.49 -17.03
CA GLU A 42 2.53 -11.83 -17.53
C GLU A 42 1.06 -12.07 -17.78
N SER A 43 0.22 -11.59 -16.87
CA SER A 43 -1.19 -11.81 -16.97
C SER A 43 -1.81 -11.06 -18.15
N VAL A 44 -1.53 -9.77 -18.28
CA VAL A 44 -2.19 -8.97 -19.31
C VAL A 44 -1.75 -9.37 -20.72
N THR A 45 -0.47 -9.65 -20.86
CA THR A 45 0.05 -10.11 -22.15
C THR A 45 -0.44 -11.50 -22.44
N GLY A 46 -0.66 -12.32 -21.41
CA GLY A 46 -1.19 -13.68 -21.62
C GLY A 46 -2.57 -13.68 -22.25
N SER A 47 -3.48 -12.89 -21.71
CA SER A 47 -4.87 -12.90 -22.20
C SER A 47 -5.11 -11.85 -23.28
N GLY A 48 -4.38 -10.75 -23.21
CA GLY A 48 -4.66 -9.58 -24.02
C GLY A 48 -5.94 -8.87 -23.68
N ILE A 49 -6.47 -9.07 -22.45
CA ILE A 49 -7.66 -8.37 -21.96
C ILE A 49 -7.24 -7.66 -20.70
N PHE A 50 -7.63 -6.38 -20.61
CA PHE A 50 -7.42 -5.58 -19.42
C PHE A 50 -8.80 -5.43 -18.80
N TRP A 51 -9.04 -6.11 -17.70
CA TRP A 51 -10.40 -6.27 -17.15
C TRP A 51 -10.70 -5.54 -15.85
N LYS A 52 -9.72 -4.84 -15.27
CA LYS A 52 -9.83 -4.24 -13.94
C LYS A 52 -9.43 -2.76 -13.99
N PRO A 53 -10.40 -1.82 -14.05
CA PRO A 53 -9.99 -0.42 -14.26
C PRO A 53 -9.20 0.16 -13.10
N MET A 54 -8.30 1.08 -13.41
CA MET A 54 -7.61 1.93 -12.44
C MET A 54 -8.67 2.68 -11.62
N LEU A 55 -8.36 2.94 -10.36
CA LEU A 55 -9.19 3.84 -9.53
C LEU A 55 -8.36 5.09 -9.28
N LEU A 56 -8.88 6.20 -9.74
CA LEU A 56 -8.16 7.47 -9.71
C LEU A 56 -8.90 8.56 -8.98
N ALA A 57 -8.16 9.55 -8.52
CA ALA A 57 -8.69 10.75 -7.88
C ALA A 57 -8.02 11.97 -8.49
N LYS A 58 -8.82 12.93 -8.89
CA LYS A 58 -8.29 14.15 -9.49
C LYS A 58 -7.42 14.89 -8.46
N VAL A 59 -6.21 15.31 -8.84
CA VAL A 59 -5.36 16.09 -7.93
C VAL A 59 -5.86 17.52 -7.97
N PRO A 60 -6.25 18.09 -6.81
CA PRO A 60 -6.66 19.50 -6.84
C PRO A 60 -5.56 20.40 -7.39
N GLY A 61 -5.96 21.30 -8.29
CA GLY A 61 -5.06 22.29 -8.87
C GLY A 61 -4.02 21.81 -9.86
N GLU A 62 -4.12 20.58 -10.39
N GLU A 62 -4.15 20.55 -10.27
CA GLU A 62 -3.19 20.04 -11.41
CA GLU A 62 -3.16 19.87 -11.03
C GLU A 62 -3.92 19.24 -12.48
C GLU A 62 -3.98 19.07 -12.04
N ASP A 63 -3.29 19.03 -13.65
N ASP A 63 -3.53 19.16 -13.29
CA ASP A 63 -3.87 18.21 -14.70
CA ASP A 63 -4.07 18.39 -14.40
C ASP A 63 -3.41 16.78 -14.45
C ASP A 63 -3.41 16.99 -14.34
N MET A 64 -3.73 16.23 -13.28
CA MET A 64 -3.09 14.97 -12.90
C MET A 64 -4.05 14.21 -12.02
N TYR A 65 -3.85 12.90 -11.93
CA TYR A 65 -4.69 11.99 -11.12
C TYR A 65 -3.83 11.20 -10.16
N LEU A 66 -4.27 11.15 -8.90
CA LEU A 66 -3.72 10.21 -7.92
C LEU A 66 -4.15 8.80 -8.25
N ILE A 67 -3.20 7.87 -8.27
CA ILE A 67 -3.53 6.46 -8.32
C ILE A 67 -3.98 6.06 -6.92
N VAL A 68 -5.26 5.75 -6.80
CA VAL A 68 -5.80 5.20 -5.55
C VAL A 68 -5.59 3.69 -5.52
N ASP A 69 -5.89 3.04 -6.63
CA ASP A 69 -5.68 1.59 -6.79
C ASP A 69 -5.22 1.35 -8.22
N GLY A 70 -4.13 0.60 -8.40
CA GLY A 70 -3.61 0.30 -9.72
C GLY A 70 -2.15 0.63 -9.97
N HIS A 71 -1.34 0.72 -8.93
CA HIS A 71 0.09 1.03 -9.15
C HIS A 71 0.79 0.08 -10.14
N HIS A 72 0.56 -1.22 -10.03
CA HIS A 72 1.33 -2.17 -10.84
C HIS A 72 0.73 -2.31 -12.22
N ARG A 73 -0.58 -2.17 -12.33
CA ARG A 73 -1.21 -2.00 -13.65
C ARG A 73 -0.58 -0.81 -14.39
N TRP A 74 -0.55 0.33 -13.72
CA TRP A 74 0.02 1.54 -14.32
C TRP A 74 1.47 1.33 -14.75
N ALA A 75 2.31 0.91 -13.81
CA ALA A 75 3.73 0.72 -14.09
C ALA A 75 3.96 -0.34 -15.16
N GLY A 76 3.18 -1.42 -15.12
CA GLY A 76 3.33 -2.53 -16.08
C GLY A 76 2.92 -2.14 -17.49
N LEU A 77 1.82 -1.43 -17.61
CA LEU A 77 1.45 -0.86 -18.90
C LEU A 77 2.51 0.09 -19.44
N GLN A 78 3.12 0.90 -18.59
CA GLN A 78 4.16 1.83 -19.06
C GLN A 78 5.38 1.06 -19.54
N LYS A 79 5.75 0.00 -18.83
CA LYS A 79 6.91 -0.80 -19.25
C LYS A 79 6.68 -1.58 -20.55
N LEU A 80 5.42 -1.91 -20.86
CA LEU A 80 5.07 -2.53 -22.14
C LEU A 80 4.98 -1.56 -23.30
N GLY A 81 5.06 -0.27 -23.03
CA GLY A 81 4.95 0.75 -24.07
C GLY A 81 3.55 1.32 -24.28
N ALA A 82 2.61 0.96 -23.41
CA ALA A 82 1.24 1.44 -23.57
C ALA A 82 1.19 2.88 -23.11
N LYS A 83 0.09 3.54 -23.50
CA LYS A 83 -0.10 4.96 -23.26
C LYS A 83 -1.27 5.34 -22.36
N ARG A 84 -2.27 4.48 -22.24
CA ARG A 84 -3.47 4.81 -21.46
C ARG A 84 -4.01 3.59 -20.75
N ALA A 85 -4.90 3.83 -19.77
CA ALA A 85 -5.58 2.75 -19.11
C ALA A 85 -7.04 3.09 -18.84
N PRO A 86 -7.94 2.10 -18.91
CA PRO A 86 -9.30 2.43 -18.52
C PRO A 86 -9.36 2.66 -17.04
N SER A 87 -10.06 3.71 -16.66
CA SER A 87 -10.02 4.24 -15.32
C SER A 87 -11.42 4.62 -14.84
N VAL A 88 -11.62 4.50 -13.53
CA VAL A 88 -12.81 4.98 -12.84
C VAL A 88 -12.34 6.12 -11.93
N ILE A 89 -12.99 7.26 -12.06
CA ILE A 89 -12.67 8.45 -11.32
C ILE A 89 -13.54 8.50 -10.06
N LEU A 90 -12.88 8.55 -8.91
CA LEU A 90 -13.57 8.49 -7.62
C LEU A 90 -13.80 9.84 -7.01
N ASP A 91 -14.85 9.96 -6.21
CA ASP A 91 -15.03 11.07 -5.33
C ASP A 91 -14.21 10.76 -4.07
N TYR A 92 -12.94 11.09 -4.11
CA TYR A 92 -11.99 10.64 -3.09
C TYR A 92 -12.24 11.23 -1.72
N PHE A 93 -12.67 12.49 -1.69
CA PHE A 93 -12.85 13.18 -0.43
C PHE A 93 -14.21 12.96 0.18
N SER A 94 -15.03 12.13 -0.47
CA SER A 94 -16.28 11.70 0.09
C SER A 94 -15.98 10.96 1.37
N ASP A 95 -16.86 11.15 2.35
CA ASP A 95 -16.82 10.39 3.57
C ASP A 95 -16.94 8.86 3.33
N ASP A 96 -17.48 8.47 2.16
CA ASP A 96 -17.63 7.06 1.80
C ASP A 96 -16.28 6.36 1.50
N VAL A 97 -15.21 7.12 1.29
CA VAL A 97 -13.87 6.54 1.08
C VAL A 97 -13.09 6.75 2.36
N LYS A 98 -12.50 5.66 2.84
CA LYS A 98 -11.71 5.65 4.06
C LYS A 98 -10.28 5.20 3.70
N VAL A 99 -9.30 5.73 4.44
N VAL A 99 -9.29 5.72 4.42
CA VAL A 99 -7.90 5.38 4.25
CA VAL A 99 -7.92 5.29 4.20
C VAL A 99 -7.37 4.78 5.55
C VAL A 99 -7.35 4.78 5.51
N TYR A 100 -7.03 3.50 5.52
CA TYR A 100 -6.41 2.82 6.65
C TYR A 100 -4.98 2.53 6.21
N THR A 101 -4.28 1.77 7.03
CA THR A 101 -2.95 1.27 6.73
C THR A 101 -2.91 -0.23 6.86
N TRP A 102 -1.72 -0.79 6.62
CA TRP A 102 -1.49 -2.20 6.83
C TRP A 102 -0.61 -2.33 8.03
N TYR A 103 -0.65 -3.51 8.64
CA TYR A 103 0.11 -3.81 9.85
C TYR A 103 1.02 -4.97 9.52
N PRO A 104 2.25 -4.68 9.07
CA PRO A 104 3.21 -5.76 8.86
C PRO A 104 3.42 -6.54 10.14
N ALA A 105 3.17 -7.85 10.14
CA ALA A 105 3.39 -8.72 11.28
C ALA A 105 4.34 -9.84 10.90
N PHE A 106 5.09 -10.35 11.86
CA PHE A 106 6.09 -11.39 11.61
C PHE A 106 6.08 -12.51 12.65
N LYS A 107 6.22 -13.74 12.17
CA LYS A 107 6.70 -14.87 12.99
C LYS A 107 8.18 -15.10 12.65
N GLY A 108 9.03 -15.03 13.67
CA GLY A 108 10.49 -15.12 13.48
C GLY A 108 11.20 -14.75 14.80
N ASP A 109 12.50 -14.35 14.64
CA ASP A 109 13.35 -13.96 15.77
C ASP A 109 13.59 -12.46 15.79
N LEU A 110 13.24 -11.79 16.89
CA LEU A 110 13.35 -10.32 17.01
C LEU A 110 14.76 -9.74 16.91
N ASN A 111 15.79 -10.56 17.15
CA ASN A 111 17.18 -10.07 17.24
C ASN A 111 17.89 -9.86 15.91
N GLU A 112 17.70 -10.79 14.98
CA GLU A 112 18.16 -10.59 13.61
C GLU A 112 17.47 -9.35 13.01
N VAL A 113 16.17 -9.23 13.26
CA VAL A 113 15.35 -8.14 12.71
C VAL A 113 15.76 -6.80 13.32
N VAL A 114 15.96 -6.76 14.64
CA VAL A 114 16.40 -5.54 15.33
C VAL A 114 17.79 -5.09 14.88
N GLU A 115 18.72 -6.03 14.71
CA GLU A 115 20.08 -5.76 14.19
C GLU A 115 20.10 -5.16 12.77
N ARG A 116 19.38 -5.80 11.85
CA ARG A 116 19.32 -5.36 10.44
C ARG A 116 18.50 -4.08 10.22
N LEU A 117 17.68 -3.70 11.22
CA LEU A 117 17.08 -2.35 11.27
C LEU A 117 18.13 -1.34 11.71
N LYS A 118 18.83 -1.68 12.80
CA LYS A 118 19.92 -0.86 13.33
C LYS A 118 21.04 -0.61 12.30
N LYS A 119 21.33 -1.62 11.47
CA LYS A 119 22.32 -1.52 10.39
C LYS A 119 21.95 -0.49 9.30
N GLU A 120 20.66 -0.34 9.03
CA GLU A 120 20.18 0.68 8.07
C GLU A 120 19.91 2.04 8.75
N GLY A 121 20.45 2.26 9.96
CA GLY A 121 20.38 3.56 10.64
C GLY A 121 19.30 3.80 11.68
N LEU A 122 18.36 2.85 11.83
CA LEU A 122 17.22 3.02 12.74
C LEU A 122 17.60 2.78 14.20
N GLU A 123 16.88 3.44 15.10
CA GLU A 123 16.89 3.10 16.51
C GLU A 123 15.69 2.21 16.84
N VAL A 124 15.84 1.38 17.85
CA VAL A 124 14.79 0.47 18.32
C VAL A 124 14.85 0.48 19.84
N ILE A 125 13.97 1.27 20.45
CA ILE A 125 14.06 1.63 21.87
C ILE A 125 12.87 1.05 22.62
N GLU A 126 13.12 0.16 23.59
CA GLU A 126 12.03 -0.41 24.40
C GLU A 126 11.29 0.73 25.11
N ASP A 127 9.97 0.68 25.06
CA ASP A 127 9.11 1.81 25.44
C ASP A 127 7.65 1.32 25.55
N PRO A 128 7.08 1.28 26.78
CA PRO A 128 5.69 0.82 26.95
C PRO A 128 4.60 1.70 26.30
N GLU A 129 4.92 2.96 25.97
CA GLU A 129 4.00 3.86 25.27
C GLU A 129 4.16 3.85 23.73
N ALA A 130 5.07 3.02 23.20
CA ALA A 130 5.42 3.00 21.78
C ALA A 130 4.21 2.96 20.86
N GLU A 131 3.26 2.06 21.13
CA GLU A 131 2.03 1.93 20.31
C GLU A 131 1.17 3.19 20.34
N GLU A 132 1.02 3.77 21.53
CA GLU A 132 0.30 5.03 21.74
C GLU A 132 0.93 6.18 20.95
N LYS A 133 2.25 6.27 21.01
CA LYS A 133 3.03 7.27 20.26
C LYS A 133 2.89 7.08 18.75
N ALA A 134 3.02 5.83 18.30
CA ALA A 134 2.85 5.53 16.86
C ALA A 134 1.46 5.91 16.34
N GLU A 135 0.39 5.59 17.09
CA GLU A 135 -0.98 5.92 16.68
C GLU A 135 -1.29 7.43 16.63
N ARG A 136 -0.59 8.22 17.44
CA ARG A 136 -0.64 9.68 17.34
C ARG A 136 0.29 10.22 16.25
N GLY A 137 1.16 9.36 15.71
CA GLY A 137 1.99 9.70 14.55
C GLY A 137 3.30 10.35 14.96
N GLU A 138 3.76 10.06 16.17
CA GLU A 138 4.92 10.75 16.78
C GLU A 138 6.24 9.99 16.56
N ILE A 139 6.15 8.73 16.15
CA ILE A 139 7.29 7.88 15.82
C ILE A 139 6.99 7.16 14.50
N ALA A 140 8.02 6.52 13.93
CA ALA A 140 7.90 5.90 12.61
C ALA A 140 7.05 4.64 12.71
N PHE A 141 7.42 3.78 13.67
CA PHE A 141 6.68 2.58 13.97
C PHE A 141 6.83 2.24 15.44
N ALA A 142 5.77 1.67 16.01
CA ALA A 142 5.89 0.82 17.20
C ALA A 142 6.10 -0.59 16.69
N LEU A 143 7.01 -1.31 17.36
CA LEU A 143 7.24 -2.74 17.13
C LEU A 143 6.83 -3.49 18.39
N VAL A 144 5.72 -4.24 18.29
CA VAL A 144 5.05 -4.78 19.48
C VAL A 144 4.91 -6.31 19.42
N GLY A 145 5.46 -6.98 20.43
CA GLY A 145 5.28 -8.42 20.65
C GLY A 145 5.32 -8.71 22.13
N GLU A 146 6.21 -9.61 22.56
CA GLU A 146 6.43 -9.88 23.98
C GLU A 146 6.95 -8.62 24.68
N LYS A 147 7.80 -7.87 23.98
CA LYS A 147 8.22 -6.53 24.39
C LYS A 147 7.64 -5.49 23.43
N SER A 148 7.81 -4.22 23.79
CA SER A 148 7.30 -3.08 23.03
C SER A 148 8.44 -2.10 22.74
N PHE A 149 8.64 -1.77 21.47
CA PHE A 149 9.76 -0.93 21.01
C PHE A 149 9.28 0.26 20.19
N ALA A 150 9.82 1.45 20.49
CA ALA A 150 9.63 2.63 19.64
C ALA A 150 10.72 2.72 18.57
N ILE A 151 10.31 2.95 17.32
CA ILE A 151 11.26 3.19 16.24
C ILE A 151 11.05 4.63 15.83
N PRO A 152 11.92 5.53 16.30
CA PRO A 152 11.66 6.95 16.04
C PRO A 152 11.84 7.35 14.57
N GLY A 153 11.22 8.47 14.23
CA GLY A 153 11.40 9.12 12.94
C GLY A 153 10.07 9.33 12.24
N GLY A 154 10.17 9.56 10.93
CA GLY A 154 9.02 9.82 10.06
C GLY A 154 9.15 8.96 8.82
N LEU A 155 8.94 9.54 7.66
CA LEU A 155 8.82 8.73 6.45
C LEU A 155 10.10 8.01 6.06
N GLU A 156 11.23 8.71 6.12
CA GLU A 156 12.52 8.10 5.78
C GLU A 156 12.76 6.80 6.57
N GLU A 157 12.43 6.81 7.86
CA GLU A 157 12.62 5.64 8.73
C GLU A 157 11.57 4.56 8.50
N GLN A 158 10.33 4.96 8.18
CA GLN A 158 9.32 3.99 7.77
C GLN A 158 9.75 3.25 6.50
N LYS A 159 10.33 3.98 5.54
CA LYS A 159 10.85 3.35 4.31
C LYS A 159 11.95 2.35 4.57
N LYS A 160 12.84 2.67 5.52
CA LYS A 160 13.90 1.74 5.89
C LYS A 160 13.33 0.47 6.55
N VAL A 161 12.33 0.62 7.41
CA VAL A 161 11.69 -0.54 8.05
C VAL A 161 11.04 -1.47 7.02
N SER A 162 10.25 -0.90 6.13
CA SER A 162 9.64 -1.67 5.03
C SER A 162 10.73 -2.34 4.19
N LYS A 163 11.78 -1.58 3.86
CA LYS A 163 12.89 -2.04 3.04
C LYS A 163 13.66 -3.18 3.68
N VAL A 164 13.82 -3.12 5.01
CA VAL A 164 14.48 -4.20 5.77
C VAL A 164 13.58 -5.44 5.86
N LEU A 165 12.30 -5.27 6.23
CA LEU A 165 11.36 -6.40 6.33
C LEU A 165 11.17 -7.13 5.00
N ASP A 166 11.24 -6.39 3.89
CA ASP A 166 11.21 -7.02 2.58
C ASP A 166 12.56 -7.67 2.23
N GLU A 167 13.68 -7.02 2.60
CA GLU A 167 15.02 -7.59 2.37
C GLU A 167 15.18 -8.96 3.01
N MET A 168 14.90 -9.06 4.31
CA MET A 168 15.00 -10.33 5.02
C MET A 168 13.82 -11.30 4.80
N SER A 169 12.81 -10.88 4.04
CA SER A 169 11.93 -11.83 3.33
C SER A 169 12.69 -12.41 2.13
N VAL A 170 13.17 -11.52 1.27
CA VAL A 170 13.97 -11.88 0.09
C VAL A 170 15.15 -12.79 0.42
N GLU A 171 15.84 -12.50 1.54
CA GLU A 171 16.89 -13.36 2.08
C GLU A 171 16.35 -14.70 2.61
N GLY A 172 15.21 -14.64 3.32
CA GLY A 172 14.46 -15.83 3.78
C GLY A 172 14.40 -16.08 5.28
N LYS A 173 14.77 -15.11 6.11
CA LYS A 173 14.83 -15.29 7.56
C LYS A 173 13.50 -15.09 8.33
N ILE A 174 12.48 -14.49 7.70
CA ILE A 174 11.22 -14.14 8.38
C ILE A 174 9.97 -14.60 7.60
N GLU A 175 8.90 -14.93 8.33
CA GLU A 175 7.53 -15.01 7.77
C GLU A 175 6.79 -13.68 8.00
N LEU A 176 6.03 -13.24 7.02
CA LEU A 176 5.52 -11.83 6.97
C LEU A 176 4.10 -11.76 6.43
N ILE A 177 3.14 -11.46 7.30
CA ILE A 177 1.77 -11.16 6.88
C ILE A 177 1.53 -9.66 7.05
N TYR A 178 0.96 -9.03 6.03
CA TYR A 178 0.37 -7.72 6.18
C TYR A 178 -1.08 -7.88 6.57
N TYR A 179 -1.40 -7.47 7.80
CA TYR A 179 -2.77 -7.48 8.27
C TYR A 179 -3.49 -6.18 7.98
N GLY A 180 -4.74 -6.28 7.55
CA GLY A 180 -5.59 -5.11 7.40
C GLY A 180 -5.87 -4.47 8.75
N LEU A 181 -6.07 -5.31 9.78
CA LEU A 181 -6.34 -4.83 11.14
C LEU A 181 -5.31 -5.33 12.18
N LYS A 182 -4.85 -4.43 13.04
CA LYS A 182 -3.84 -4.76 14.03
C LYS A 182 -4.35 -5.75 15.06
N GLU A 183 -5.64 -5.65 15.41
CA GLU A 183 -6.28 -6.57 16.36
C GLU A 183 -6.42 -7.99 15.83
N ASP A 184 -6.52 -8.15 14.50
CA ASP A 184 -6.44 -9.49 13.89
C ASP A 184 -5.01 -10.04 13.98
N ALA A 185 -4.00 -9.16 13.89
CA ALA A 185 -2.61 -9.55 14.20
C ALA A 185 -2.40 -9.88 15.68
N ARG A 186 -3.10 -9.18 16.57
CA ARG A 186 -3.04 -9.48 18.02
C ARG A 186 -3.82 -10.75 18.39
N GLU A 187 -4.90 -11.06 17.67
CA GLU A 187 -5.59 -12.36 17.80
C GLU A 187 -4.65 -13.53 17.48
N ASP A 188 -4.08 -13.47 16.28
CA ASP A 188 -3.12 -14.46 15.79
C ASP A 188 -1.82 -14.48 16.60
N MET A 189 -1.42 -13.33 17.15
CA MET A 189 -0.31 -13.26 18.11
C MET A 189 -0.52 -14.20 19.28
N ALA A 190 -1.73 -14.18 19.83
CA ALA A 190 -2.11 -15.04 20.96
C ALA A 190 -2.24 -16.52 20.58
N LYS A 191 -2.47 -16.82 19.31
CA LYS A 191 -2.45 -18.19 18.79
C LYS A 191 -1.04 -18.81 18.66
N GLY A 192 0.00 -17.97 18.68
CA GLY A 192 1.39 -18.43 18.49
C GLY A 192 1.89 -18.33 17.05
N GLU A 193 1.03 -17.90 16.13
CA GLU A 193 1.35 -17.86 14.70
C GLU A 193 2.11 -16.58 14.31
N ILE A 194 1.98 -15.53 15.14
CA ILE A 194 2.64 -14.23 14.93
C ILE A 194 3.41 -13.86 16.22
N ASP A 195 4.61 -13.30 16.04
CA ASP A 195 5.48 -12.86 17.16
C ASP A 195 5.51 -11.35 17.39
N TYR A 196 5.54 -10.58 16.31
CA TYR A 196 5.69 -9.13 16.35
C TYR A 196 4.80 -8.47 15.29
N VAL A 197 4.29 -7.27 15.59
CA VAL A 197 3.54 -6.47 14.64
C VAL A 197 4.12 -5.06 14.65
N PHE A 198 4.21 -4.48 13.46
CA PHE A 198 4.66 -3.08 13.29
C PHE A 198 3.44 -2.23 13.11
N ILE A 199 3.35 -1.17 13.91
CA ILE A 199 2.18 -0.30 13.94
C ILE A 199 2.61 1.11 13.59
N ARG A 200 2.03 1.68 12.53
CA ARG A 200 2.18 3.11 12.20
C ARG A 200 0.79 3.75 12.16
N LYS A 201 0.74 5.07 12.28
CA LYS A 201 -0.49 5.82 12.02
C LYS A 201 -0.79 5.78 10.53
N ALA A 202 -2.05 5.56 10.17
CA ALA A 202 -2.44 5.56 8.78
C ALA A 202 -2.35 6.97 8.21
N PRO A 203 -1.93 7.13 6.93
CA PRO A 203 -2.01 8.45 6.32
C PRO A 203 -3.45 8.93 6.19
N THR A 204 -3.65 10.23 6.24
CA THR A 204 -4.90 10.85 5.81
C THR A 204 -4.86 11.08 4.29
N LYS A 205 -6.04 11.35 3.75
CA LYS A 205 -6.20 11.70 2.33
C LYS A 205 -5.39 12.89 1.90
N GLU A 206 -5.40 13.92 2.75
CA GLU A 206 -4.71 15.15 2.50
C GLU A 206 -3.21 14.92 2.46
N GLU A 207 -2.72 14.06 3.35
CA GLU A 207 -1.29 13.65 3.35
C GLU A 207 -0.92 12.89 2.09
N VAL A 208 -1.81 12.03 1.62
CA VAL A 208 -1.56 11.28 0.39
C VAL A 208 -1.42 12.25 -0.77
N MET A 209 -2.37 13.19 -0.91
CA MET A 209 -2.26 14.23 -1.95
C MET A 209 -1.02 15.09 -1.83
N GLU A 210 -0.72 15.51 -0.61
CA GLU A 210 0.45 16.31 -0.29
C GLU A 210 1.73 15.62 -0.75
N LEU A 211 1.85 14.33 -0.47
CA LEU A 211 3.04 13.58 -0.85
C LEU A 211 3.16 13.56 -2.37
N VAL A 212 2.04 13.29 -3.03
CA VAL A 212 1.97 13.23 -4.49
C VAL A 212 2.32 14.57 -5.15
N LYS A 213 1.86 15.66 -4.54
CA LYS A 213 2.18 16.99 -5.06
C LYS A 213 3.66 17.33 -4.87
N ARG A 214 4.30 16.77 -3.84
CA ARG A 214 5.76 16.90 -3.61
C ARG A 214 6.57 15.96 -4.52
N GLY A 215 5.91 15.05 -5.24
CA GLY A 215 6.57 14.03 -6.06
C GLY A 215 7.24 12.96 -5.20
N GLU A 216 6.65 12.66 -4.05
CA GLU A 216 7.20 11.65 -3.15
C GLU A 216 6.26 10.47 -3.10
N VAL A 217 6.75 9.34 -2.59
CA VAL A 217 5.91 8.16 -2.42
C VAL A 217 6.13 7.51 -1.07
N TYR A 218 5.12 6.79 -0.60
CA TYR A 218 5.27 5.92 0.58
C TYR A 218 5.92 4.59 0.20
N SER A 219 6.25 3.79 1.22
CA SER A 219 6.67 2.41 0.98
C SER A 219 5.49 1.58 0.49
N PRO A 220 5.73 0.36 -0.02
CA PRO A 220 4.58 -0.46 -0.34
C PRO A 220 3.78 -0.76 0.93
N LYS A 221 2.50 -1.07 0.76
CA LYS A 221 1.62 -1.49 1.86
C LYS A 221 1.48 -0.41 2.95
N THR A 222 1.46 0.85 2.54
CA THR A 222 1.26 1.94 3.45
C THR A 222 -0.20 2.32 3.50
N THR A 223 -0.86 2.47 2.36
CA THR A 223 -2.29 2.78 2.36
C THR A 223 -3.13 1.55 2.18
N ARG A 224 -4.32 1.58 2.77
CA ARG A 224 -5.30 0.51 2.60
C ARG A 224 -6.63 1.19 2.46
N HIS A 225 -7.02 1.44 1.21
CA HIS A 225 -8.23 2.20 0.97
C HIS A 225 -9.40 1.28 1.08
N VAL A 226 -10.42 1.70 1.81
CA VAL A 226 -11.71 1.01 1.83
C VAL A 226 -12.70 1.90 1.09
N LEU A 227 -13.17 1.38 -0.03
CA LEU A 227 -13.96 2.16 -0.99
C LEU A 227 -15.42 1.77 -0.91
N PRO A 228 -16.33 2.66 -1.36
CA PRO A 228 -17.74 2.29 -1.36
C PRO A 228 -18.17 1.25 -2.40
N PHE A 229 -17.30 0.95 -3.35
CA PHE A 229 -17.59 -0.06 -4.38
C PHE A 229 -16.32 -0.60 -5.03
N ASN A 230 -16.42 -1.81 -5.59
CA ASN A 230 -15.42 -2.33 -6.53
C ASN A 230 -16.06 -2.19 -7.90
N PRO A 231 -15.34 -1.62 -8.92
CA PRO A 231 -15.99 -1.58 -10.23
C PRO A 231 -16.23 -2.98 -10.76
N ASP A 232 -17.32 -3.17 -11.49
CA ASP A 232 -17.51 -4.40 -12.21
C ASP A 232 -16.42 -4.53 -13.28
N LYS A 233 -16.19 -5.77 -13.70
CA LYS A 233 -15.14 -6.06 -14.65
C LYS A 233 -15.48 -5.48 -16.00
N ILE A 234 -14.45 -5.19 -16.78
CA ILE A 234 -14.62 -4.53 -18.06
C ILE A 234 -14.01 -5.33 -19.18
N ASP A 235 -14.42 -4.94 -20.41
CA ASP A 235 -14.12 -5.63 -21.64
C ASP A 235 -13.27 -4.65 -22.48
N VAL A 236 -11.97 -4.62 -22.18
CA VAL A 236 -11.04 -3.78 -22.94
C VAL A 236 -9.89 -4.62 -23.42
N LYS A 237 -9.52 -4.48 -24.69
CA LYS A 237 -8.42 -5.22 -25.26
C LYS A 237 -7.12 -4.46 -25.02
N LEU A 238 -6.10 -5.19 -24.62
CA LEU A 238 -4.76 -4.60 -24.46
C LEU A 238 -4.33 -3.75 -25.66
N GLU A 239 -4.65 -4.19 -26.87
CA GLU A 239 -4.34 -3.37 -28.09
C GLU A 239 -4.94 -1.96 -28.08
N GLU A 240 -6.03 -1.75 -27.35
CA GLU A 240 -6.65 -0.42 -27.23
C GLU A 240 -5.82 0.58 -26.38
N LEU A 241 -4.82 0.11 -25.67
CA LEU A 241 -4.10 0.95 -24.71
C LEU A 241 -2.85 1.60 -25.23
N PHE A 242 -2.46 1.23 -26.46
CA PHE A 242 -1.24 1.73 -27.08
C PHE A 242 -1.51 2.93 -27.96
#